data_5HST
#
_entry.id   5HST
#
_cell.length_a   57.660
_cell.length_b   77.440
_cell.length_c   138.900
_cell.angle_alpha   90.00
_cell.angle_beta   90.00
_cell.angle_gamma   90.00
#
_symmetry.space_group_name_H-M   'P 2 21 21'
#
loop_
_entity.id
_entity.type
_entity.pdbx_description
1 polymer 'Polyketide synthase type I'
2 water water
#
_entity_poly.entity_id   1
_entity_poly.type   'polypeptide(L)'
_entity_poly.pdbx_seq_one_letter_code
;SMKNRLWVSNKAQTTAADKAPLFDFSAGECRFYKTLSDSEYYVKDHVVHEKTVLPGAAIIEAAREAGERLYGKSVIKLSQ
VVWAVPITVEKEKTIMIDLLPNQKDGRFVVKTDMQPEAAVHCQGNIITCGDQDASHTERFQLDSWLTGQKRLISSAECYR
DFRQSGLEYGASFQVIKQLFIHENAVLARISLPESIHKKSGTLLEPCLLDGIFQSTTGFTSGQEDDHTAYLPFELGELEI
LHAPSANGYAYITAADERQHDDVKRFHILFMDENGSVSLKIKNLALKALRAAPQTQDERHSVK
;
_entity_poly.pdbx_strand_id   A,B
#
# COMPACT_ATOMS: atom_id res chain seq x y z
N ALA A 20 -30.42 -5.90 -11.10
CA ALA A 20 -30.16 -5.58 -9.71
C ALA A 20 -31.28 -6.10 -8.81
N PRO A 21 -31.00 -6.21 -7.50
CA PRO A 21 -32.02 -6.72 -6.58
C PRO A 21 -32.93 -5.63 -6.02
N LEU A 22 -34.24 -5.88 -6.01
CA LEU A 22 -35.17 -4.89 -5.48
C LEU A 22 -34.85 -4.56 -4.03
N PHE A 23 -34.45 -5.55 -3.25
CA PHE A 23 -33.99 -5.36 -1.89
C PHE A 23 -32.50 -5.66 -1.85
N ASP A 24 -31.69 -4.61 -1.76
CA ASP A 24 -30.24 -4.74 -1.73
C ASP A 24 -29.83 -4.73 -0.27
N PHE A 25 -29.82 -5.91 0.34
CA PHE A 25 -29.63 -6.00 1.79
C PHE A 25 -28.18 -5.74 2.18
N SER A 26 -28.02 -5.22 3.38
CA SER A 26 -26.75 -5.28 4.09
C SER A 26 -26.79 -6.53 4.96
N ALA A 27 -25.76 -7.36 4.83
CA ALA A 27 -25.71 -8.62 5.56
C ALA A 27 -25.07 -8.41 6.92
N GLY A 28 -25.64 -9.05 7.93
CA GLY A 28 -25.05 -9.09 9.25
C GLY A 28 -24.08 -10.26 9.37
N GLU A 29 -23.82 -10.64 10.62
CA GLU A 29 -22.92 -11.76 10.88
C GLU A 29 -23.47 -13.05 10.26
N CYS A 30 -22.56 -13.92 9.83
CA CYS A 30 -22.94 -15.23 9.33
C CYS A 30 -21.76 -16.19 9.46
N ARG A 31 -22.07 -17.45 9.78
CA ARG A 31 -21.07 -18.50 9.88
C ARG A 31 -21.24 -19.46 8.71
N PHE A 32 -20.11 -19.80 8.07
CA PHE A 32 -20.09 -20.75 6.97
C PHE A 32 -19.31 -21.99 7.39
N TYR A 33 -19.78 -23.16 6.94
CA TYR A 33 -19.22 -24.43 7.36
C TYR A 33 -18.77 -25.22 6.15
N LYS A 34 -17.61 -25.87 6.29
CA LYS A 34 -17.07 -26.73 5.24
C LYS A 34 -16.35 -27.90 5.90
N THR A 35 -16.67 -29.11 5.47
CA THR A 35 -15.98 -30.31 5.92
C THR A 35 -14.83 -30.59 4.95
N LEU A 36 -13.60 -30.42 5.43
CA LEU A 36 -12.43 -30.70 4.62
C LEU A 36 -12.09 -32.19 4.67
N SER A 37 -11.45 -32.69 3.63
CA SER A 37 -11.01 -34.07 3.57
C SER A 37 -9.60 -34.12 3.01
N ASP A 38 -8.79 -35.05 3.51
CA ASP A 38 -7.49 -35.28 2.89
C ASP A 38 -7.60 -35.94 1.53
N SER A 39 -8.83 -36.19 1.04
CA SER A 39 -9.01 -36.62 -0.33
C SER A 39 -8.80 -35.48 -1.31
N GLU A 40 -8.99 -34.24 -0.88
CA GLU A 40 -8.79 -33.09 -1.74
C GLU A 40 -7.30 -32.82 -1.94
N TYR A 41 -6.95 -32.44 -3.16
CA TYR A 41 -5.54 -32.30 -3.54
C TYR A 41 -4.85 -31.21 -2.73
N TYR A 42 -5.54 -30.10 -2.43
CA TYR A 42 -4.88 -29.03 -1.70
C TYR A 42 -4.60 -29.41 -0.25
N VAL A 43 -5.13 -30.52 0.22
CA VAL A 43 -4.75 -31.11 1.51
C VAL A 43 -3.78 -32.25 1.31
N LYS A 44 -4.11 -33.19 0.43
CA LYS A 44 -3.33 -34.42 0.29
C LYS A 44 -1.87 -34.15 -0.04
N ASP A 45 -1.60 -33.14 -0.87
CA ASP A 45 -0.24 -32.84 -1.31
C ASP A 45 0.43 -31.77 -0.47
N HIS A 46 -0.10 -31.44 0.70
CA HIS A 46 0.48 -30.42 1.57
C HIS A 46 0.84 -31.07 2.90
N VAL A 47 2.02 -31.67 2.96
CA VAL A 47 2.47 -32.42 4.14
C VAL A 47 3.51 -31.59 4.87
N VAL A 48 3.26 -31.32 6.15
CA VAL A 48 4.15 -30.54 6.98
C VAL A 48 4.51 -31.39 8.18
N HIS A 49 5.80 -31.66 8.35
CA HIS A 49 6.28 -32.56 9.39
C HIS A 49 5.43 -33.83 9.44
N GLU A 50 5.26 -34.45 8.28
CA GLU A 50 4.62 -35.75 8.14
C GLU A 50 3.12 -35.73 8.42
N LYS A 51 2.50 -34.56 8.40
CA LYS A 51 1.06 -34.43 8.60
C LYS A 51 0.49 -33.69 7.39
N THR A 52 -0.64 -34.16 6.89
CA THR A 52 -1.37 -33.41 5.86
C THR A 52 -2.12 -32.28 6.54
N VAL A 53 -1.84 -31.04 6.13
CA VAL A 53 -2.42 -29.85 6.75
C VAL A 53 -3.01 -28.96 5.68
N LEU A 54 -4.09 -28.28 6.04
CA LEU A 54 -4.65 -27.29 5.13
C LEU A 54 -3.66 -26.14 4.95
N PRO A 55 -3.30 -25.78 3.73
CA PRO A 55 -2.40 -24.63 3.54
C PRO A 55 -3.06 -23.33 4.01
N GLY A 56 -2.26 -22.47 4.64
CA GLY A 56 -2.76 -21.16 5.02
C GLY A 56 -3.31 -20.40 3.83
N ALA A 57 -2.69 -20.58 2.65
CA ALA A 57 -3.19 -19.94 1.44
C ALA A 57 -4.60 -20.38 1.11
N ALA A 58 -4.96 -21.62 1.43
CA ALA A 58 -6.31 -22.09 1.11
C ALA A 58 -7.37 -21.39 1.95
N ILE A 59 -7.03 -20.98 3.17
CA ILE A 59 -7.98 -20.25 4.00
C ILE A 59 -8.25 -18.88 3.40
N ILE A 60 -7.26 -18.29 2.74
CA ILE A 60 -7.45 -17.00 2.11
C ILE A 60 -8.50 -17.09 1.01
N GLU A 61 -8.38 -18.09 0.14
CA GLU A 61 -9.38 -18.26 -0.91
C GLU A 61 -10.74 -18.60 -0.31
N ALA A 62 -10.77 -19.32 0.81
CA ALA A 62 -12.05 -19.65 1.43
C ALA A 62 -12.71 -18.41 2.00
N ALA A 63 -11.95 -17.55 2.68
CA ALA A 63 -12.50 -16.28 3.16
C ALA A 63 -12.96 -15.42 2.00
N ARG A 64 -12.17 -15.37 0.92
CA ARG A 64 -12.58 -14.59 -0.25
C ARG A 64 -13.90 -15.10 -0.81
N GLU A 65 -14.06 -16.42 -0.95
CA GLU A 65 -15.30 -16.98 -1.50
C GLU A 65 -16.47 -16.71 -0.57
N ALA A 66 -16.29 -16.90 0.73
CA ALA A 66 -17.36 -16.60 1.68
C ALA A 66 -17.77 -15.13 1.60
N GLY A 67 -16.78 -14.23 1.48
CA GLY A 67 -17.09 -12.82 1.41
C GLY A 67 -17.88 -12.46 0.16
N GLU A 68 -17.46 -12.95 -1.00
CA GLU A 68 -18.19 -12.67 -2.23
C GLU A 68 -19.61 -13.23 -2.15
N ARG A 69 -19.79 -14.38 -1.51
CA ARG A 69 -21.12 -14.97 -1.38
C ARG A 69 -22.01 -14.13 -0.47
N LEU A 70 -21.51 -13.77 0.71
CA LEU A 70 -22.35 -13.10 1.70
C LEU A 70 -22.65 -11.65 1.30
N TYR A 71 -21.66 -10.93 0.77
CA TYR A 71 -21.81 -9.52 0.47
C TYR A 71 -22.25 -9.26 -0.97
N GLY A 72 -22.20 -10.26 -1.84
CA GLY A 72 -22.64 -10.07 -3.20
C GLY A 72 -21.79 -9.08 -3.96
N LYS A 73 -20.50 -9.01 -3.64
CA LYS A 73 -19.60 -8.08 -4.29
C LYS A 73 -18.20 -8.67 -4.31
N SER A 74 -17.40 -8.22 -5.27
CA SER A 74 -16.06 -8.74 -5.43
C SER A 74 -15.21 -8.37 -4.22
N VAL A 75 -14.45 -9.33 -3.72
CA VAL A 75 -13.45 -9.08 -2.69
C VAL A 75 -12.16 -8.68 -3.39
N ILE A 76 -11.67 -7.47 -3.10
CA ILE A 76 -10.46 -6.96 -3.72
C ILE A 76 -9.28 -6.94 -2.78
N LYS A 77 -9.49 -7.08 -1.47
CA LYS A 77 -8.39 -7.04 -0.52
C LYS A 77 -8.71 -7.90 0.69
N LEU A 78 -7.66 -8.54 1.21
CA LEU A 78 -7.70 -9.18 2.52
C LEU A 78 -6.50 -8.65 3.28
N SER A 79 -6.74 -8.14 4.48
CA SER A 79 -5.71 -7.40 5.20
C SER A 79 -5.70 -7.80 6.67
N GLN A 80 -4.56 -7.50 7.32
CA GLN A 80 -4.35 -7.77 8.74
C GLN A 80 -4.66 -9.23 9.06
N VAL A 81 -4.21 -10.13 8.20
CA VAL A 81 -4.44 -11.55 8.40
C VAL A 81 -3.42 -12.10 9.39
N VAL A 82 -3.88 -12.99 10.27
CA VAL A 82 -3.03 -13.68 11.24
C VAL A 82 -3.37 -15.16 11.20
N TRP A 83 -2.35 -16.01 11.12
CA TRP A 83 -2.50 -17.45 11.11
C TRP A 83 -1.91 -18.03 12.38
N ALA A 84 -2.58 -19.05 12.92
CA ALA A 84 -1.95 -19.94 13.89
C ALA A 84 -1.23 -21.04 13.13
N VAL A 85 -0.80 -22.08 13.83
CA VAL A 85 -0.18 -23.22 13.16
C VAL A 85 -1.23 -23.88 12.26
N PRO A 86 -0.84 -24.55 11.18
CA PRO A 86 -1.83 -25.07 10.24
C PRO A 86 -2.83 -26.03 10.86
N ILE A 87 -4.01 -26.08 10.26
CA ILE A 87 -5.04 -27.04 10.62
C ILE A 87 -4.65 -28.41 10.07
N THR A 88 -4.47 -29.38 10.96
CA THR A 88 -4.25 -30.75 10.52
C THR A 88 -5.57 -31.34 10.02
N VAL A 89 -5.49 -32.10 8.93
CA VAL A 89 -6.66 -32.72 8.31
C VAL A 89 -6.33 -34.19 8.07
N GLU A 90 -6.83 -35.07 8.93
CA GLU A 90 -6.72 -36.51 8.78
C GLU A 90 -8.13 -37.06 8.55
N LYS A 91 -8.38 -37.56 7.35
CA LYS A 91 -9.73 -37.92 6.89
C LYS A 91 -10.50 -36.61 6.83
N GLU A 92 -11.56 -36.42 7.61
CA GLU A 92 -12.46 -35.28 7.43
C GLU A 92 -12.46 -34.37 8.67
N LYS A 93 -12.48 -33.06 8.42
CA LYS A 93 -12.49 -32.08 9.50
C LYS A 93 -13.31 -30.87 9.06
N THR A 94 -14.18 -30.40 9.95
CA THR A 94 -15.08 -29.29 9.65
C THR A 94 -14.46 -27.98 10.10
N ILE A 95 -14.42 -27.01 9.20
CA ILE A 95 -13.97 -25.66 9.52
C ILE A 95 -15.18 -24.74 9.53
N MET A 96 -15.11 -23.70 10.35
CA MET A 96 -16.15 -22.69 10.47
C MET A 96 -15.51 -21.35 10.14
N ILE A 97 -16.12 -20.62 9.21
CA ILE A 97 -15.67 -19.27 8.87
C ILE A 97 -16.77 -18.31 9.32
N ASP A 98 -16.47 -17.49 10.31
CA ASP A 98 -17.41 -16.52 10.84
C ASP A 98 -17.11 -15.19 10.18
N LEU A 99 -18.10 -14.62 9.51
CA LEU A 99 -17.98 -13.31 8.87
C LEU A 99 -18.78 -12.31 9.70
N LEU A 100 -18.09 -11.29 10.21
CA LEU A 100 -18.69 -10.28 11.05
C LEU A 100 -18.61 -8.92 10.35
N PRO A 101 -19.71 -8.17 10.26
CA PRO A 101 -19.68 -6.93 9.49
C PRO A 101 -18.80 -5.87 10.13
N ASN A 102 -18.11 -5.12 9.27
CA ASN A 102 -17.25 -4.01 9.68
C ASN A 102 -17.59 -2.88 8.71
N GLN A 103 -18.56 -2.05 9.09
CA GLN A 103 -19.24 -1.14 8.17
C GLN A 103 -19.49 -1.86 6.85
N LYS A 104 -19.06 -1.28 5.72
CA LYS A 104 -19.23 -1.97 4.45
C LYS A 104 -18.31 -3.18 4.32
N ASP A 105 -17.19 -3.18 5.02
CA ASP A 105 -16.23 -4.27 4.91
C ASP A 105 -16.66 -5.40 5.84
N GLY A 106 -15.77 -6.36 6.07
CA GLY A 106 -16.09 -7.47 6.95
C GLY A 106 -14.85 -7.96 7.67
N ARG A 107 -15.10 -8.81 8.65
CA ARG A 107 -14.07 -9.45 9.45
C ARG A 107 -14.34 -10.95 9.40
N PHE A 108 -13.30 -11.76 9.27
CA PHE A 108 -13.48 -13.21 9.25
C PHE A 108 -12.65 -13.86 10.34
N VAL A 109 -13.21 -14.92 10.91
CA VAL A 109 -12.56 -15.73 11.94
C VAL A 109 -12.79 -17.18 11.57
N VAL A 110 -11.72 -17.97 11.59
CA VAL A 110 -11.75 -19.36 11.14
C VAL A 110 -11.47 -20.26 12.33
N LYS A 111 -12.39 -21.19 12.61
CA LYS A 111 -12.24 -22.13 13.71
C LYS A 111 -12.65 -23.51 13.23
N THR A 112 -12.17 -24.53 13.94
CA THR A 112 -12.67 -25.89 13.80
C THR A 112 -13.36 -26.39 15.06
N ASP A 113 -13.12 -25.74 16.19
CA ASP A 113 -13.75 -26.08 17.45
C ASP A 113 -14.58 -24.89 17.91
N MET A 114 -15.73 -25.18 18.52
CA MET A 114 -16.77 -24.18 18.73
C MET A 114 -16.57 -23.35 19.99
N GLN A 115 -16.15 -23.96 21.09
CA GLN A 115 -16.16 -23.28 22.37
C GLN A 115 -15.20 -22.09 22.38
N PRO A 116 -15.45 -21.12 23.27
CA PRO A 116 -14.60 -19.92 23.28
C PRO A 116 -13.14 -20.21 23.56
N GLU A 117 -12.85 -21.22 24.37
CA GLU A 117 -11.48 -21.56 24.70
C GLU A 117 -10.68 -22.05 23.49
N ALA A 118 -11.35 -22.32 22.37
CA ALA A 118 -10.70 -22.96 21.23
C ALA A 118 -9.84 -21.97 20.45
N ALA A 119 -8.88 -22.52 19.72
CA ALA A 119 -7.91 -21.73 18.98
C ALA A 119 -8.57 -21.09 17.77
N VAL A 120 -8.14 -19.86 17.46
CA VAL A 120 -8.48 -19.21 16.21
C VAL A 120 -7.40 -19.58 15.21
N HIS A 121 -7.77 -20.30 14.15
CA HIS A 121 -6.79 -20.75 13.17
C HIS A 121 -6.37 -19.64 12.23
N CYS A 122 -7.28 -18.72 11.92
CA CYS A 122 -7.00 -17.64 11.00
C CYS A 122 -8.04 -16.55 11.21
N GLN A 123 -7.62 -15.31 10.97
CA GLN A 123 -8.53 -14.16 11.09
C GLN A 123 -7.97 -13.02 10.25
N GLY A 124 -8.85 -12.10 9.88
CA GLY A 124 -8.46 -10.98 9.06
C GLY A 124 -9.66 -10.20 8.57
N ASN A 125 -9.38 -9.17 7.78
CA ASN A 125 -10.40 -8.28 7.25
C ASN A 125 -10.64 -8.54 5.77
N ILE A 126 -11.89 -8.40 5.36
CA ILE A 126 -12.30 -8.51 3.96
C ILE A 126 -12.74 -7.13 3.48
N ILE A 127 -12.20 -6.68 2.35
CA ILE A 127 -12.58 -5.42 1.74
C ILE A 127 -13.17 -5.71 0.37
N THR A 128 -14.37 -5.19 0.13
CA THR A 128 -15.09 -5.36 -1.12
C THR A 128 -14.91 -4.14 -2.02
N CYS A 129 -15.16 -4.34 -3.32
CA CYS A 129 -15.12 -3.27 -4.30
C CYS A 129 -16.48 -2.59 -4.43
N GLY A 130 -16.44 -1.29 -4.79
CA GLY A 130 -17.66 -0.55 -5.04
C GLY A 130 -18.13 -0.64 -6.49
N ASP A 131 -19.37 -0.17 -6.71
CA ASP A 131 -19.96 -0.25 -8.05
C ASP A 131 -19.30 0.72 -9.01
N GLN A 132 -18.91 1.91 -8.52
CA GLN A 132 -18.33 2.97 -9.35
C GLN A 132 -16.82 3.10 -9.15
N ASP A 133 -16.18 2.09 -8.60
CA ASP A 133 -14.74 2.15 -8.36
C ASP A 133 -14.01 2.27 -9.70
N ALA A 134 -12.90 3.01 -9.68
CA ALA A 134 -12.17 3.31 -10.91
C ALA A 134 -11.30 2.13 -11.34
N SER A 135 -10.89 2.17 -12.60
CA SER A 135 -10.03 1.14 -13.19
C SER A 135 -8.59 1.65 -13.28
N HIS A 136 -7.66 0.92 -12.66
CA HIS A 136 -6.25 1.24 -12.69
C HIS A 136 -5.45 -0.04 -12.88
N THR A 137 -4.35 0.07 -13.62
CA THR A 137 -3.48 -1.08 -13.89
C THR A 137 -2.06 -0.77 -13.44
N GLU A 138 -1.31 -1.82 -13.16
CA GLU A 138 0.06 -1.71 -12.66
C GLU A 138 0.94 -2.69 -13.43
N ARG A 139 2.11 -2.20 -13.81
CA ARG A 139 3.05 -2.99 -14.58
C ARG A 139 4.43 -2.93 -13.93
N PHE A 140 5.18 -4.00 -14.14
CA PHE A 140 6.51 -4.19 -13.57
C PHE A 140 7.49 -4.47 -14.69
N GLN A 141 8.69 -3.89 -14.60
CA GLN A 141 9.74 -4.14 -15.60
C GLN A 141 10.41 -5.47 -15.27
N LEU A 142 9.90 -6.53 -15.89
CA LEU A 142 10.24 -7.89 -15.53
C LEU A 142 11.56 -8.35 -16.15
N ASP A 143 11.87 -7.89 -17.36
CA ASP A 143 12.92 -8.53 -18.15
C ASP A 143 14.27 -8.47 -17.46
N SER A 144 14.63 -7.31 -16.89
CA SER A 144 15.95 -7.16 -16.30
C SER A 144 16.20 -8.14 -15.16
N TRP A 145 15.15 -8.66 -14.55
CA TRP A 145 15.27 -9.58 -13.43
C TRP A 145 15.39 -11.05 -13.87
N LEU A 146 15.33 -11.32 -15.17
CA LEU A 146 15.55 -12.67 -15.68
C LEU A 146 16.99 -12.89 -16.12
N THR A 147 17.89 -11.94 -15.86
CA THR A 147 19.30 -12.11 -16.13
C THR A 147 20.11 -11.41 -15.05
N GLY A 148 21.40 -11.73 -14.99
CA GLY A 148 22.28 -11.11 -14.03
C GLY A 148 22.19 -11.64 -12.61
N GLN A 149 21.43 -12.71 -12.39
CA GLN A 149 21.24 -13.19 -11.03
C GLN A 149 22.54 -13.77 -10.47
N LYS A 150 22.68 -13.68 -9.14
CA LYS A 150 23.81 -14.33 -8.47
C LYS A 150 23.69 -15.84 -8.53
N ARG A 151 22.47 -16.37 -8.53
CA ARG A 151 22.26 -17.80 -8.43
C ARG A 151 20.90 -18.14 -9.02
N LEU A 152 20.83 -19.26 -9.72
CA LEU A 152 19.59 -19.81 -10.25
C LEU A 152 19.33 -21.15 -9.57
N ILE A 153 18.12 -21.30 -9.04
CA ILE A 153 17.71 -22.50 -8.33
C ILE A 153 16.63 -23.19 -9.14
N SER A 154 16.86 -24.46 -9.46
CA SER A 154 15.94 -25.25 -10.26
C SER A 154 14.77 -25.75 -9.42
N SER A 155 13.72 -26.17 -10.11
CA SER A 155 12.54 -26.71 -9.43
C SER A 155 12.92 -27.89 -8.53
N ALA A 156 13.68 -28.84 -9.07
CA ALA A 156 14.04 -30.04 -8.30
C ALA A 156 14.83 -29.67 -7.06
N GLU A 157 15.81 -28.77 -7.21
CA GLU A 157 16.59 -28.31 -6.07
C GLU A 157 15.71 -27.63 -5.03
N CYS A 158 14.80 -26.77 -5.50
CA CYS A 158 13.94 -26.03 -4.58
C CYS A 158 13.16 -26.97 -3.67
N TYR A 159 12.57 -28.03 -4.24
CA TYR A 159 11.72 -28.91 -3.46
C TYR A 159 12.48 -29.99 -2.71
N ARG A 160 13.73 -30.26 -3.09
CA ARG A 160 14.61 -31.02 -2.21
C ARG A 160 14.90 -30.23 -0.94
N ASP A 161 15.24 -28.95 -1.09
CA ASP A 161 15.51 -28.10 0.07
C ASP A 161 14.29 -28.03 0.98
N PHE A 162 13.11 -27.88 0.40
CA PHE A 162 11.88 -27.87 1.19
C PHE A 162 11.73 -29.18 1.97
N ARG A 163 11.94 -30.30 1.29
CA ARG A 163 11.80 -31.59 1.96
C ARG A 163 12.76 -31.70 3.14
N GLN A 164 13.98 -31.16 2.98
CA GLN A 164 14.96 -31.21 4.07
C GLN A 164 14.42 -30.54 5.33
N SER A 165 13.51 -29.59 5.18
CA SER A 165 12.93 -28.85 6.30
C SER A 165 11.65 -29.48 6.85
N GLY A 166 11.15 -30.54 6.23
CA GLY A 166 9.89 -31.12 6.63
C GLY A 166 8.70 -30.69 5.79
N LEU A 167 8.91 -29.88 4.76
CA LEU A 167 7.85 -29.44 3.86
C LEU A 167 7.89 -30.31 2.61
N GLU A 168 7.07 -31.36 2.62
CA GLU A 168 6.99 -32.31 1.51
C GLU A 168 5.81 -31.92 0.64
N TYR A 169 6.09 -31.13 -0.40
CA TYR A 169 5.05 -30.71 -1.32
C TYR A 169 4.82 -31.80 -2.37
N GLY A 170 3.58 -32.26 -2.47
CA GLY A 170 3.20 -33.15 -3.54
C GLY A 170 3.18 -32.42 -4.87
N ALA A 171 2.86 -33.18 -5.92
CA ALA A 171 2.94 -32.64 -7.28
C ALA A 171 2.07 -31.42 -7.46
N SER A 172 0.91 -31.36 -6.79
CA SER A 172 0.01 -30.23 -6.96
C SER A 172 0.67 -28.91 -6.57
N PHE A 173 1.55 -28.94 -5.57
CA PHE A 173 2.15 -27.74 -5.01
C PHE A 173 3.54 -27.45 -5.56
N GLN A 174 4.05 -28.29 -6.47
CA GLN A 174 5.35 -28.04 -7.07
C GLN A 174 5.18 -27.09 -8.25
N VAL A 175 4.90 -25.83 -7.90
CA VAL A 175 4.58 -24.80 -8.89
C VAL A 175 5.77 -23.89 -9.19
N ILE A 176 6.79 -23.86 -8.34
CA ILE A 176 7.99 -23.07 -8.62
C ILE A 176 8.81 -23.80 -9.68
N LYS A 177 9.06 -23.12 -10.79
CA LYS A 177 9.87 -23.65 -11.87
C LYS A 177 11.32 -23.16 -11.83
N GLN A 178 11.55 -21.95 -11.33
CA GLN A 178 12.90 -21.39 -11.25
C GLN A 178 12.89 -20.24 -10.25
N LEU A 179 13.98 -20.11 -9.51
CA LEU A 179 14.21 -18.96 -8.65
C LEU A 179 15.46 -18.23 -9.14
N PHE A 180 15.32 -16.93 -9.42
CA PHE A 180 16.44 -16.07 -9.76
C PHE A 180 16.81 -15.30 -8.49
N ILE A 181 17.99 -15.59 -7.95
CA ILE A 181 18.44 -14.99 -6.69
C ILE A 181 19.30 -13.78 -7.03
N HIS A 182 18.80 -12.59 -6.71
CA HIS A 182 19.52 -11.35 -6.87
C HIS A 182 19.97 -10.84 -5.50
N GLU A 183 20.70 -9.73 -5.50
CA GLU A 183 21.32 -9.24 -4.26
C GLU A 183 20.26 -8.87 -3.23
N ASN A 184 19.22 -8.16 -3.65
CA ASN A 184 18.18 -7.69 -2.73
C ASN A 184 16.78 -8.10 -3.18
N ALA A 185 16.68 -9.09 -4.06
CA ALA A 185 15.38 -9.50 -4.56
C ALA A 185 15.47 -10.93 -5.05
N VAL A 186 14.31 -11.59 -5.09
CA VAL A 186 14.16 -12.91 -5.67
C VAL A 186 13.05 -12.83 -6.72
N LEU A 187 13.31 -13.38 -7.90
CA LEU A 187 12.29 -13.53 -8.93
C LEU A 187 12.02 -15.01 -9.12
N ALA A 188 10.77 -15.41 -8.96
CA ALA A 188 10.35 -16.81 -9.07
C ALA A 188 9.42 -16.96 -10.27
N ARG A 189 9.72 -17.93 -11.12
CA ARG A 189 8.80 -18.31 -12.18
C ARG A 189 7.87 -19.39 -11.65
N ILE A 190 6.56 -19.16 -11.79
CA ILE A 190 5.54 -20.01 -11.21
C ILE A 190 4.61 -20.47 -12.32
N SER A 191 4.26 -21.75 -12.29
CA SER A 191 3.41 -22.33 -13.32
C SER A 191 2.58 -23.45 -12.69
N LEU A 192 1.27 -23.37 -12.84
CA LEU A 192 0.39 -24.38 -12.25
C LEU A 192 0.48 -25.69 -13.04
N PRO A 193 0.47 -26.83 -12.35
CA PRO A 193 0.53 -28.11 -13.07
C PRO A 193 -0.73 -28.37 -13.86
N GLU A 194 -0.58 -29.16 -14.93
CA GLU A 194 -1.72 -29.53 -15.75
C GLU A 194 -2.77 -30.27 -14.94
N SER A 195 -2.35 -31.07 -13.97
CA SER A 195 -3.28 -31.87 -13.18
C SER A 195 -4.29 -30.97 -12.49
N ILE A 196 -5.54 -31.14 -12.89
CA ILE A 196 -6.65 -30.40 -12.36
C ILE A 196 -6.63 -29.01 -12.97
N HIS A 197 -7.79 -28.44 -13.15
CA HIS A 197 -7.88 -27.09 -13.67
C HIS A 197 -8.71 -26.41 -12.62
N LYS A 198 -8.27 -25.23 -12.23
CA LYS A 198 -8.98 -24.52 -11.19
C LYS A 198 -10.35 -24.25 -11.78
N LYS A 199 -11.38 -24.31 -10.94
CA LYS A 199 -12.72 -24.05 -11.39
C LYS A 199 -12.69 -22.60 -11.81
N SER A 200 -13.54 -22.22 -12.73
CA SER A 200 -13.54 -20.85 -13.20
C SER A 200 -13.78 -19.89 -12.05
N GLY A 201 -14.60 -20.31 -11.09
CA GLY A 201 -14.95 -19.44 -9.98
C GLY A 201 -13.82 -19.24 -8.99
N THR A 202 -12.84 -20.14 -8.96
CA THR A 202 -11.75 -20.06 -7.99
C THR A 202 -10.76 -19.01 -8.47
N LEU A 203 -10.76 -17.85 -7.81
CA LEU A 203 -9.87 -16.78 -8.20
C LEU A 203 -8.43 -17.06 -7.74
N LEU A 204 -8.26 -17.39 -6.47
CA LEU A 204 -6.93 -17.64 -5.90
C LEU A 204 -6.80 -19.14 -5.67
N GLU A 205 -6.27 -19.83 -6.66
CA GLU A 205 -6.08 -21.26 -6.54
C GLU A 205 -5.10 -21.51 -5.39
N PRO A 206 -5.43 -22.37 -4.42
CA PRO A 206 -4.52 -22.53 -3.27
C PRO A 206 -3.09 -22.87 -3.63
N CYS A 207 -2.87 -23.68 -4.66
CA CYS A 207 -1.51 -24.06 -5.02
CA CYS A 207 -1.51 -24.06 -5.02
C CYS A 207 -0.75 -22.88 -5.63
N LEU A 208 -1.44 -22.02 -6.37
CA LEU A 208 -0.79 -20.82 -6.89
C LEU A 208 -0.38 -19.89 -5.75
N LEU A 209 -1.31 -19.60 -4.84
CA LEU A 209 -1.01 -18.67 -3.75
C LEU A 209 0.03 -19.24 -2.80
N ASP A 210 -0.03 -20.55 -2.52
CA ASP A 210 1.02 -21.14 -1.70
C ASP A 210 2.36 -21.10 -2.40
N GLY A 211 2.37 -21.26 -3.73
CA GLY A 211 3.62 -21.15 -4.46
C GLY A 211 4.21 -19.76 -4.37
N ILE A 212 3.34 -18.75 -4.39
CA ILE A 212 3.80 -17.39 -4.14
C ILE A 212 4.43 -17.30 -2.74
N PHE A 213 3.75 -17.87 -1.74
CA PHE A 213 4.35 -17.94 -0.40
C PHE A 213 5.65 -18.74 -0.42
N GLN A 214 5.66 -19.88 -1.13
CA GLN A 214 6.86 -20.72 -1.19
C GLN A 214 8.06 -19.93 -1.70
N SER A 215 7.85 -19.05 -2.67
CA SER A 215 8.97 -18.44 -3.36
C SER A 215 9.82 -17.57 -2.44
N THR A 216 9.32 -17.23 -1.26
CA THR A 216 10.13 -16.54 -0.26
C THR A 216 11.30 -17.40 0.21
N THR A 217 11.31 -18.70 -0.11
CA THR A 217 12.44 -19.54 0.29
C THR A 217 13.74 -19.06 -0.32
N GLY A 218 13.67 -18.29 -1.42
CA GLY A 218 14.87 -17.67 -1.96
C GLY A 218 15.58 -16.79 -0.96
N PHE A 219 14.85 -16.27 0.03
CA PHE A 219 15.43 -15.55 1.16
C PHE A 219 15.60 -16.43 2.39
N THR A 220 14.54 -17.15 2.78
CA THR A 220 14.50 -17.80 4.08
C THR A 220 15.35 -19.06 4.17
N SER A 221 15.78 -19.62 3.03
CA SER A 221 16.64 -20.80 3.08
C SER A 221 17.86 -20.53 3.97
N GLY A 222 18.46 -19.36 3.83
CA GLY A 222 19.58 -19.01 4.68
C GLY A 222 20.75 -19.94 4.47
N GLN A 223 21.46 -20.23 5.55
CA GLN A 223 22.68 -21.02 5.48
C GLN A 223 22.38 -22.43 4.98
N GLU A 224 23.43 -23.08 4.46
CA GLU A 224 23.28 -24.44 3.95
C GLU A 224 22.95 -25.43 5.06
N ASP A 225 23.49 -25.21 6.26
CA ASP A 225 23.21 -26.08 7.40
C ASP A 225 21.86 -25.81 8.06
N ASP A 226 21.19 -24.70 7.73
CA ASP A 226 19.91 -24.36 8.32
C ASP A 226 18.78 -24.97 7.49
N HIS A 227 17.94 -25.78 8.15
CA HIS A 227 16.80 -26.40 7.50
C HIS A 227 15.51 -26.07 8.24
N THR A 228 15.26 -24.77 8.44
CA THR A 228 14.06 -24.32 9.14
C THR A 228 12.89 -24.22 8.18
N ALA A 229 11.72 -24.71 8.60
CA ALA A 229 10.50 -24.58 7.83
C ALA A 229 9.76 -23.32 8.27
N TYR A 230 9.45 -22.46 7.31
CA TYR A 230 8.75 -21.21 7.57
C TYR A 230 7.34 -21.29 7.00
N LEU A 231 6.36 -20.98 7.82
CA LEU A 231 4.96 -21.07 7.43
C LEU A 231 4.25 -19.74 7.64
N PRO A 232 3.14 -19.52 6.93
CA PRO A 232 2.46 -18.22 7.01
C PRO A 232 2.07 -17.88 8.45
N PHE A 233 2.39 -16.67 8.85
CA PHE A 233 2.11 -16.19 10.20
C PHE A 233 1.29 -14.91 10.21
N GLU A 234 1.64 -13.94 9.37
CA GLU A 234 0.85 -12.72 9.23
C GLU A 234 0.91 -12.25 7.80
N LEU A 235 -0.08 -11.46 7.41
CA LEU A 235 -0.13 -10.87 6.08
C LEU A 235 -0.76 -9.48 6.19
N GLY A 236 0.07 -8.45 6.00
CA GLY A 236 -0.44 -7.09 6.12
C GLY A 236 -1.58 -6.83 5.15
N GLU A 237 -1.35 -7.13 3.87
CA GLU A 237 -2.34 -6.83 2.85
C GLU A 237 -2.13 -7.73 1.65
N LEU A 238 -3.23 -8.31 1.15
CA LEU A 238 -3.27 -8.95 -0.15
C LEU A 238 -4.27 -8.19 -1.00
N GLU A 239 -3.80 -7.61 -2.10
CA GLU A 239 -4.64 -6.84 -3.00
C GLU A 239 -4.75 -7.60 -4.31
N ILE A 240 -5.98 -7.82 -4.76
CA ILE A 240 -6.26 -8.52 -6.00
C ILE A 240 -6.59 -7.46 -7.04
N LEU A 241 -5.67 -7.23 -7.98
CA LEU A 241 -5.93 -6.27 -9.05
C LEU A 241 -6.75 -6.88 -10.18
N HIS A 242 -6.60 -8.19 -10.41
CA HIS A 242 -7.39 -8.93 -11.37
C HIS A 242 -6.99 -10.39 -11.23
N ALA A 243 -7.70 -11.26 -11.93
CA ALA A 243 -7.48 -12.69 -11.77
C ALA A 243 -6.04 -13.03 -12.13
N PRO A 244 -5.29 -13.69 -11.25
CA PRO A 244 -3.90 -14.01 -11.58
C PRO A 244 -3.81 -15.06 -12.67
N SER A 245 -2.74 -14.96 -13.46
CA SER A 245 -2.49 -15.93 -14.50
C SER A 245 -2.01 -17.25 -13.89
N ALA A 246 -2.28 -18.35 -14.61
CA ALA A 246 -1.78 -19.65 -14.17
C ALA A 246 -0.27 -19.73 -14.29
N ASN A 247 0.33 -18.93 -15.17
CA ASN A 247 1.77 -18.83 -15.32
C ASN A 247 2.17 -17.38 -15.09
N GLY A 248 3.23 -17.18 -14.32
CA GLY A 248 3.69 -15.82 -14.07
C GLY A 248 4.94 -15.80 -13.25
N TYR A 249 5.17 -14.65 -12.63
CA TYR A 249 6.41 -14.39 -11.90
C TYR A 249 6.09 -13.69 -10.60
N ALA A 250 6.78 -14.09 -9.55
CA ALA A 250 6.71 -13.42 -8.25
C ALA A 250 7.99 -12.63 -8.04
N TYR A 251 7.84 -11.36 -7.69
CA TYR A 251 8.98 -10.51 -7.36
C TYR A 251 8.96 -10.26 -5.86
N ILE A 252 9.97 -10.75 -5.16
CA ILE A 252 9.99 -10.79 -3.70
C ILE A 252 11.10 -9.87 -3.21
N THR A 253 10.76 -9.01 -2.25
CA THR A 253 11.70 -8.15 -1.58
C THR A 253 11.51 -8.33 -0.08
N ALA A 254 12.57 -8.06 0.66
CA ALA A 254 12.52 -8.17 2.11
C ALA A 254 11.89 -6.91 2.70
N ALA A 255 10.91 -7.10 3.58
CA ALA A 255 10.37 -5.98 4.34
C ALA A 255 11.37 -5.53 5.40
N ASP A 256 12.05 -6.49 6.04
CA ASP A 256 13.12 -6.25 7.03
C ASP A 256 12.48 -5.55 8.23
N GLU A 257 13.00 -4.42 8.71
CA GLU A 257 12.50 -3.77 9.93
C GLU A 257 12.70 -4.66 11.16
N ASP A 261 14.88 -13.32 13.26
CA ASP A 261 15.47 -14.65 13.38
C ASP A 261 14.41 -15.74 13.24
N ASP A 262 13.28 -15.57 13.92
CA ASP A 262 12.20 -16.55 13.82
C ASP A 262 11.08 -16.09 12.90
N VAL A 263 11.03 -14.81 12.54
CA VAL A 263 9.98 -14.27 11.68
C VAL A 263 10.67 -13.53 10.53
N LYS A 264 10.25 -13.82 9.30
CA LYS A 264 10.79 -13.20 8.10
C LYS A 264 9.63 -12.56 7.36
N ARG A 265 9.81 -11.31 6.94
CA ARG A 265 8.75 -10.50 6.36
C ARG A 265 9.12 -10.08 4.94
N PHE A 266 8.14 -10.08 4.04
CA PHE A 266 8.40 -9.85 2.63
C PHE A 266 7.26 -9.05 1.99
N HIS A 267 7.60 -8.37 0.91
CA HIS A 267 6.64 -7.83 -0.04
C HIS A 267 6.74 -8.63 -1.33
N ILE A 268 5.60 -8.90 -1.96
CA ILE A 268 5.58 -9.71 -3.18
C ILE A 268 4.64 -9.09 -4.20
N LEU A 269 5.07 -9.09 -5.45
CA LEU A 269 4.22 -8.80 -6.60
C LEU A 269 4.11 -10.06 -7.44
N PHE A 270 2.89 -10.41 -7.86
CA PHE A 270 2.68 -11.48 -8.82
C PHE A 270 2.20 -10.89 -10.14
N MET A 271 2.80 -11.35 -11.24
CA MET A 271 2.58 -10.74 -12.55
C MET A 271 2.65 -11.81 -13.64
N ASP A 272 2.13 -11.46 -14.81
CA ASP A 272 2.29 -12.29 -15.99
C ASP A 272 3.60 -11.96 -16.70
N GLU A 273 3.85 -12.65 -17.82
CA GLU A 273 5.14 -12.53 -18.51
C GLU A 273 5.39 -11.14 -19.09
N ASN A 274 4.36 -10.30 -19.23
CA ASN A 274 4.55 -8.92 -19.66
C ASN A 274 4.63 -7.94 -18.49
N GLY A 275 4.70 -8.43 -17.25
CA GLY A 275 4.79 -7.55 -16.12
C GLY A 275 3.47 -6.99 -15.63
N SER A 276 2.35 -7.43 -16.19
CA SER A 276 1.04 -7.01 -15.71
C SER A 276 0.80 -7.57 -14.32
N VAL A 277 0.70 -6.69 -13.32
CA VAL A 277 0.61 -7.11 -11.94
C VAL A 277 -0.83 -7.50 -11.63
N SER A 278 -1.02 -8.73 -11.15
CA SER A 278 -2.34 -9.21 -10.74
C SER A 278 -2.52 -9.20 -9.22
N LEU A 279 -1.46 -9.43 -8.45
CA LEU A 279 -1.55 -9.51 -7.00
C LEU A 279 -0.43 -8.71 -6.37
N LYS A 280 -0.76 -8.02 -5.28
CA LYS A 280 0.20 -7.26 -4.50
C LYS A 280 0.10 -7.71 -3.05
N ILE A 281 1.23 -8.13 -2.49
CA ILE A 281 1.31 -8.64 -1.12
C ILE A 281 2.20 -7.69 -0.33
N LYS A 282 1.64 -7.14 0.74
CA LYS A 282 2.36 -6.25 1.64
C LYS A 282 2.56 -6.97 2.97
N ASN A 283 3.80 -7.07 3.41
CA ASN A 283 4.14 -7.56 4.75
C ASN A 283 3.60 -8.98 4.98
N LEU A 284 4.04 -9.89 4.13
CA LEU A 284 3.84 -11.31 4.39
C LEU A 284 4.91 -11.77 5.39
N ALA A 285 4.46 -12.25 6.55
CA ALA A 285 5.36 -12.74 7.59
C ALA A 285 5.25 -14.25 7.67
N LEU A 286 6.40 -14.92 7.62
CA LEU A 286 6.48 -16.36 7.82
C LEU A 286 7.27 -16.62 9.08
N LYS A 287 6.88 -17.68 9.81
CA LYS A 287 7.40 -17.96 11.13
C LYS A 287 7.95 -19.38 11.17
N ALA A 288 9.11 -19.55 11.79
CA ALA A 288 9.70 -20.87 11.91
C ALA A 288 8.75 -21.80 12.67
N LEU A 289 8.55 -23.00 12.14
CA LEU A 289 7.73 -24.02 12.79
C LEU A 289 8.59 -25.23 13.09
N ARG A 290 8.72 -25.56 14.37
CA ARG A 290 9.53 -26.71 14.78
C ARG A 290 8.72 -28.00 14.64
N ALA A 291 9.41 -29.08 14.27
CA ALA A 291 8.77 -30.38 14.21
C ALA A 291 8.23 -30.77 15.59
N ALA A 292 7.09 -31.45 15.60
CA ALA A 292 6.43 -31.85 16.84
C ALA A 292 7.39 -32.35 17.91
N PRO B 21 32.13 6.36 -4.68
CA PRO B 21 32.65 6.70 -3.35
C PRO B 21 33.51 5.59 -2.75
N LEU B 22 34.76 5.91 -2.41
CA LEU B 22 35.64 4.91 -1.79
C LEU B 22 35.16 4.54 -0.40
N PHE B 23 34.67 5.51 0.37
CA PHE B 23 34.09 5.27 1.68
C PHE B 23 32.59 5.57 1.58
N ASP B 24 31.78 4.52 1.55
CA ASP B 24 30.33 4.68 1.46
C ASP B 24 29.79 4.59 2.89
N PHE B 25 29.73 5.74 3.55
CA PHE B 25 29.40 5.80 4.97
C PHE B 25 27.92 5.52 5.21
N SER B 26 27.62 5.00 6.39
CA SER B 26 26.28 5.03 6.94
C SER B 26 26.14 6.26 7.83
N ALA B 27 25.06 7.01 7.65
CA ALA B 27 24.85 8.23 8.40
C ALA B 27 24.10 7.95 9.69
N GLY B 28 24.52 8.61 10.77
CA GLY B 28 23.79 8.62 12.01
C GLY B 28 22.80 9.77 12.03
N GLU B 29 22.40 10.14 13.25
CA GLU B 29 21.48 11.25 13.42
C GLU B 29 22.09 12.54 12.87
N CYS B 30 21.23 13.43 12.36
CA CYS B 30 21.69 14.74 11.93
C CYS B 30 20.53 15.72 11.93
N ARG B 31 20.84 16.97 12.31
CA ARG B 31 19.90 18.06 12.32
C ARG B 31 20.21 19.01 11.17
N PHE B 32 19.17 19.38 10.44
CA PHE B 32 19.26 20.35 9.35
C PHE B 32 18.48 21.60 9.73
N TYR B 33 19.02 22.76 9.33
CA TYR B 33 18.46 24.04 9.71
C TYR B 33 18.17 24.87 8.47
N LYS B 34 17.02 25.55 8.49
CA LYS B 34 16.64 26.44 7.41
C LYS B 34 15.90 27.61 8.04
N THR B 35 16.28 28.82 7.66
CA THR B 35 15.56 30.02 8.07
C THR B 35 14.52 30.33 7.01
N LEU B 36 13.25 30.18 7.37
CA LEU B 36 12.17 30.51 6.45
C LEU B 36 11.90 32.00 6.48
N SER B 37 11.39 32.52 5.37
CA SER B 37 11.04 33.93 5.26
C SER B 37 9.69 34.06 4.57
N ASP B 38 8.90 35.04 5.00
CA ASP B 38 7.69 35.37 4.26
C ASP B 38 8.00 36.08 2.94
N SER B 39 9.27 36.24 2.60
CA SER B 39 9.65 36.68 1.25
C SER B 39 9.46 35.56 0.24
N GLU B 40 9.50 34.30 0.69
CA GLU B 40 9.35 33.16 -0.20
C GLU B 40 7.90 32.93 -0.57
N TYR B 41 7.66 32.56 -1.84
CA TYR B 41 6.29 32.48 -2.34
C TYR B 41 5.47 31.46 -1.57
N TYR B 42 6.09 30.34 -1.16
CA TYR B 42 5.32 29.30 -0.48
C TYR B 42 4.92 29.72 0.93
N VAL B 43 5.42 30.84 1.43
CA VAL B 43 4.94 31.43 2.68
C VAL B 43 4.00 32.62 2.41
N LYS B 44 4.45 33.60 1.63
CA LYS B 44 3.66 34.82 1.48
C LYS B 44 2.29 34.55 0.89
N ASP B 45 2.19 33.57 -0.01
CA ASP B 45 0.94 33.28 -0.70
C ASP B 45 0.10 32.20 -0.02
N HIS B 46 0.44 31.81 1.21
CA HIS B 46 -0.30 30.79 1.95
C HIS B 46 -0.80 31.45 3.25
N VAL B 47 -1.96 32.09 3.17
CA VAL B 47 -2.52 32.86 4.27
C VAL B 47 -3.66 32.05 4.89
N VAL B 48 -3.55 31.78 6.19
CA VAL B 48 -4.53 31.01 6.95
C VAL B 48 -4.99 31.87 8.11
N HIS B 49 -6.28 32.17 8.17
CA HIS B 49 -6.83 33.06 9.19
C HIS B 49 -5.95 34.29 9.36
N GLU B 50 -5.68 34.96 8.23
CA GLU B 50 -4.99 36.24 8.19
C GLU B 50 -3.51 36.14 8.57
N LYS B 51 -2.94 34.93 8.59
CA LYS B 51 -1.53 34.76 8.91
C LYS B 51 -0.84 33.98 7.81
N THR B 52 0.38 34.40 7.48
CA THR B 52 1.22 33.64 6.56
C THR B 52 1.83 32.45 7.31
N VAL B 53 1.52 31.24 6.84
CA VAL B 53 1.97 30.02 7.50
C VAL B 53 2.61 29.10 6.48
N LEU B 54 3.62 28.38 6.92
CA LEU B 54 4.23 27.37 6.06
C LEU B 54 3.21 26.27 5.78
N PRO B 55 2.93 25.96 4.52
CA PRO B 55 2.02 24.84 4.24
C PRO B 55 2.63 23.52 4.67
N GLY B 56 1.78 22.63 5.22
CA GLY B 56 2.25 21.31 5.59
C GLY B 56 2.92 20.59 4.44
N ALA B 57 2.44 20.79 3.20
CA ALA B 57 3.05 20.16 2.04
C ALA B 57 4.51 20.56 1.88
N ALA B 58 4.86 21.80 2.26
CA ALA B 58 6.25 22.23 2.11
C ALA B 58 7.17 21.47 3.06
N ILE B 59 6.66 21.07 4.22
CA ILE B 59 7.48 20.29 5.15
C ILE B 59 7.78 18.93 4.55
N ILE B 60 6.86 18.39 3.76
CA ILE B 60 7.08 17.10 3.11
C ILE B 60 8.26 17.18 2.15
N GLU B 61 8.27 18.20 1.29
CA GLU B 61 9.38 18.36 0.35
C GLU B 61 10.68 18.68 1.06
N ALA B 62 10.62 19.40 2.19
CA ALA B 62 11.83 19.68 2.95
C ALA B 62 12.41 18.41 3.55
N ALA B 63 11.55 17.54 4.10
CA ALA B 63 12.03 16.27 4.62
C ALA B 63 12.62 15.41 3.51
N ARG B 64 11.97 15.39 2.34
CA ARG B 64 12.49 14.61 1.21
C ARG B 64 13.87 15.09 0.81
N GLU B 65 14.08 16.41 0.74
CA GLU B 65 15.38 16.93 0.35
C GLU B 65 16.44 16.61 1.40
N ALA B 66 16.12 16.78 2.68
CA ALA B 66 17.07 16.46 3.74
C ALA B 66 17.47 14.99 3.70
N GLY B 67 16.50 14.11 3.47
CA GLY B 67 16.80 12.68 3.41
C GLY B 67 17.68 12.33 2.21
N GLU B 68 17.34 12.88 1.05
CA GLU B 68 18.13 12.63 -0.15
C GLU B 68 19.56 13.12 0.04
N ARG B 69 19.72 14.25 0.73
CA ARG B 69 21.05 14.79 0.99
C ARG B 69 21.83 13.89 1.94
N LEU B 70 21.22 13.49 3.06
CA LEU B 70 21.94 12.74 4.08
C LEU B 70 22.24 11.32 3.62
N TYR B 71 21.27 10.66 2.97
CA TYR B 71 21.39 9.26 2.60
C TYR B 71 21.94 9.04 1.20
N GLY B 72 22.00 10.08 0.38
CA GLY B 72 22.57 9.96 -0.96
C GLY B 72 21.81 9.07 -1.91
N LYS B 73 20.49 8.95 -1.75
CA LYS B 73 19.68 8.17 -2.66
C LYS B 73 18.26 8.72 -2.64
N SER B 74 17.50 8.38 -3.69
CA SER B 74 16.16 8.93 -3.85
C SER B 74 15.25 8.50 -2.70
N VAL B 75 14.50 9.46 -2.17
CA VAL B 75 13.41 9.17 -1.25
C VAL B 75 12.16 8.91 -2.08
N ILE B 76 11.62 7.70 -1.98
CA ILE B 76 10.46 7.31 -2.77
C ILE B 76 9.18 7.28 -1.96
N LYS B 77 9.27 7.33 -0.63
CA LYS B 77 8.07 7.20 0.18
C LYS B 77 8.23 7.98 1.47
N LEU B 78 7.14 8.61 1.90
CA LEU B 78 7.01 9.22 3.21
C LEU B 78 5.75 8.68 3.83
N SER B 79 5.85 8.18 5.06
CA SER B 79 4.76 7.44 5.68
C SER B 79 4.61 7.82 7.14
N GLN B 80 3.42 7.55 7.68
CA GLN B 80 3.09 7.87 9.06
C GLN B 80 3.42 9.31 9.40
N VAL B 81 3.06 10.22 8.49
CA VAL B 81 3.28 11.64 8.71
C VAL B 81 2.18 12.18 9.61
N VAL B 82 2.56 13.04 10.54
CA VAL B 82 1.64 13.72 11.45
C VAL B 82 1.99 15.20 11.46
N TRP B 83 0.98 16.06 11.34
CA TRP B 83 1.16 17.51 11.39
C TRP B 83 0.50 18.10 12.64
N ALA B 84 1.16 19.08 13.24
CA ALA B 84 0.51 19.97 14.18
C ALA B 84 -0.13 21.12 13.40
N VAL B 85 -0.57 22.16 14.10
CA VAL B 85 -1.09 23.34 13.41
C VAL B 85 0.06 23.93 12.62
N PRO B 86 -0.21 24.62 11.49
CA PRO B 86 0.89 25.07 10.64
C PRO B 86 1.86 25.98 11.39
N ILE B 87 3.11 25.97 10.93
CA ILE B 87 4.11 26.91 11.43
C ILE B 87 3.82 28.28 10.86
N THR B 88 3.56 29.25 11.74
CA THR B 88 3.41 30.63 11.30
C THR B 88 4.79 31.22 11.00
N VAL B 89 4.87 31.98 9.91
CA VAL B 89 6.13 32.56 9.46
C VAL B 89 5.87 34.04 9.21
N GLU B 90 6.28 34.88 10.15
CA GLU B 90 6.19 36.32 10.05
C GLU B 90 7.61 36.85 10.00
N LYS B 91 8.03 37.36 8.84
CA LYS B 91 9.42 37.71 8.57
C LYS B 91 10.21 36.40 8.62
N GLU B 92 11.22 36.26 9.48
CA GLU B 92 12.06 35.07 9.49
C GLU B 92 11.66 34.11 10.60
N LYS B 93 11.86 32.82 10.36
CA LYS B 93 11.71 31.80 11.39
C LYS B 93 12.56 30.60 11.03
N THR B 94 13.34 30.10 11.98
CA THR B 94 14.25 28.99 11.74
C THR B 94 13.58 27.68 12.14
N ILE B 95 13.57 26.73 11.21
CA ILE B 95 13.08 25.40 11.49
C ILE B 95 14.27 24.45 11.55
N MET B 96 14.11 23.39 12.34
CA MET B 96 15.10 22.34 12.46
C MET B 96 14.43 21.04 12.07
N ILE B 97 15.07 20.29 11.15
CA ILE B 97 14.62 18.97 10.74
C ILE B 97 15.65 17.98 11.24
N ASP B 98 15.26 17.13 12.18
CA ASP B 98 16.12 16.11 12.74
C ASP B 98 15.84 14.81 12.00
N LEU B 99 16.88 14.23 11.41
CA LEU B 99 16.79 12.96 10.71
C LEU B 99 17.44 11.88 11.58
N LEU B 100 16.67 10.85 11.92
CA LEU B 100 17.16 9.78 12.75
C LEU B 100 17.19 8.49 11.95
N PRO B 101 18.30 7.76 11.95
CA PRO B 101 18.39 6.56 11.12
C PRO B 101 17.46 5.47 11.65
N ASN B 102 16.83 4.74 10.72
CA ASN B 102 15.95 3.64 11.04
C ASN B 102 16.29 2.52 10.05
N GLN B 103 17.43 1.87 10.29
CA GLN B 103 18.01 0.91 9.34
C GLN B 103 18.36 1.70 8.07
N LYS B 104 18.14 1.14 6.88
CA LYS B 104 18.41 1.89 5.65
C LYS B 104 17.53 3.12 5.55
N ASP B 105 16.37 3.11 6.20
CA ASP B 105 15.41 4.20 6.12
C ASP B 105 15.78 5.27 7.16
N GLY B 106 14.87 6.23 7.36
CA GLY B 106 15.03 7.24 8.38
C GLY B 106 13.67 7.73 8.84
N ARG B 107 13.69 8.49 9.93
CA ARG B 107 12.52 9.19 10.40
C ARG B 107 12.92 10.63 10.69
N PHE B 108 11.98 11.55 10.47
CA PHE B 108 12.23 12.97 10.63
C PHE B 108 11.28 13.59 11.65
N VAL B 109 11.80 14.61 12.33
CA VAL B 109 11.04 15.39 13.31
C VAL B 109 11.33 16.86 13.04
N VAL B 110 10.28 17.68 12.98
CA VAL B 110 10.39 19.10 12.62
C VAL B 110 9.96 19.94 13.82
N LYS B 111 10.84 20.85 14.26
CA LYS B 111 10.57 21.73 15.38
C LYS B 111 11.06 23.14 15.05
N THR B 112 10.57 24.12 15.81
CA THR B 112 11.10 25.47 15.78
C THR B 112 11.79 25.88 17.07
N ASP B 113 11.53 25.18 18.17
CA ASP B 113 12.19 25.44 19.44
C ASP B 113 12.97 24.19 19.84
N MET B 114 14.12 24.38 20.47
CA MET B 114 15.06 23.29 20.65
C MET B 114 14.75 22.44 21.88
N GLN B 115 14.20 23.02 22.94
CA GLN B 115 14.10 22.29 24.19
C GLN B 115 13.25 21.04 23.99
N PRO B 116 13.47 19.99 24.79
CA PRO B 116 12.73 18.74 24.55
C PRO B 116 11.23 18.88 24.71
N GLU B 117 10.78 19.71 25.63
CA GLU B 117 9.36 19.90 25.88
C GLU B 117 8.63 20.62 24.72
N ALA B 118 9.37 21.12 23.73
CA ALA B 118 8.76 21.96 22.71
C ALA B 118 7.94 21.13 21.73
N ALA B 119 7.03 21.80 21.04
CA ALA B 119 6.08 21.12 20.16
C ALA B 119 6.77 20.60 18.91
N VAL B 120 6.34 19.43 18.47
CA VAL B 120 6.75 18.86 17.19
C VAL B 120 5.72 19.29 16.14
N HIS B 121 6.16 20.05 15.14
CA HIS B 121 5.25 20.54 14.12
C HIS B 121 4.89 19.47 13.10
N CYS B 122 5.82 18.56 12.82
CA CYS B 122 5.62 17.52 11.82
C CYS B 122 6.64 16.42 12.08
N GLN B 123 6.24 15.18 11.77
CA GLN B 123 7.12 14.03 11.91
C GLN B 123 6.63 12.93 10.99
N GLY B 124 7.52 11.99 10.70
CA GLY B 124 7.17 10.89 9.83
C GLY B 124 8.40 10.09 9.47
N ASN B 125 8.17 9.08 8.63
CA ASN B 125 9.22 8.17 8.20
C ASN B 125 9.65 8.48 6.77
N ILE B 126 10.94 8.29 6.50
CA ILE B 126 11.52 8.45 5.19
C ILE B 126 11.97 7.07 4.70
N ILE B 127 11.54 6.71 3.49
CA ILE B 127 11.96 5.47 2.86
C ILE B 127 12.70 5.80 1.57
N THR B 128 13.92 5.28 1.45
CA THR B 128 14.77 5.50 0.28
C THR B 128 14.68 4.30 -0.64
N CYS B 129 15.01 4.52 -1.90
CA CYS B 129 15.12 3.41 -2.82
C CYS B 129 16.54 2.86 -2.75
N GLY B 130 16.65 1.56 -2.91
CA GLY B 130 17.93 0.89 -2.92
C GLY B 130 18.59 0.92 -4.28
N ASP B 131 19.84 0.43 -4.30
CA ASP B 131 20.63 0.47 -5.51
C ASP B 131 20.03 -0.42 -6.60
N GLN B 132 19.40 -1.53 -6.22
CA GLN B 132 18.86 -2.48 -7.17
C GLN B 132 17.33 -2.42 -7.22
N ASP B 133 16.73 -1.34 -6.74
CA ASP B 133 15.27 -1.29 -6.69
C ASP B 133 14.65 -1.37 -8.07
N ALA B 134 13.51 -2.05 -8.13
CA ALA B 134 12.83 -2.31 -9.39
C ALA B 134 12.03 -1.11 -9.84
N SER B 135 11.66 -1.11 -11.11
CA SER B 135 10.85 -0.07 -11.71
C SER B 135 9.40 -0.55 -11.77
N HIS B 136 8.50 0.26 -11.21
CA HIS B 136 7.08 -0.07 -11.15
C HIS B 136 6.29 1.12 -11.65
N THR B 137 5.29 0.85 -12.49
CA THR B 137 4.49 1.90 -13.10
C THR B 137 3.00 1.63 -12.90
N GLU B 138 2.23 2.71 -12.91
CA GLU B 138 0.79 2.64 -12.71
C GLU B 138 0.11 3.60 -13.68
N ARG B 139 -1.05 3.18 -14.19
CA ARG B 139 -1.78 3.97 -15.17
C ARG B 139 -3.25 4.02 -14.79
N PHE B 140 -3.86 5.19 -14.97
CA PHE B 140 -5.25 5.43 -14.61
C PHE B 140 -6.06 5.73 -15.86
N GLN B 141 -7.26 5.16 -15.93
CA GLN B 141 -8.15 5.37 -17.07
C GLN B 141 -8.95 6.65 -16.85
N LEU B 142 -8.48 7.76 -17.41
CA LEU B 142 -9.00 9.07 -17.09
C LEU B 142 -10.33 9.39 -17.78
N ASP B 143 -10.56 8.82 -18.97
CA ASP B 143 -11.58 9.37 -19.87
C ASP B 143 -12.96 9.42 -19.23
N SER B 144 -13.40 8.32 -18.62
CA SER B 144 -14.77 8.27 -18.10
C SER B 144 -15.03 9.29 -17.01
N TRP B 145 -13.98 9.77 -16.33
CA TRP B 145 -14.16 10.71 -15.23
C TRP B 145 -14.16 12.16 -15.69
N LEU B 146 -13.94 12.42 -16.97
CA LEU B 146 -14.03 13.78 -17.51
C LEU B 146 -15.44 14.11 -17.99
N THR B 147 -16.37 13.17 -17.90
CA THR B 147 -17.77 13.41 -18.25
C THR B 147 -18.65 12.61 -17.31
N GLY B 148 -19.95 12.91 -17.35
CA GLY B 148 -20.91 12.22 -16.51
C GLY B 148 -20.96 12.69 -15.07
N GLN B 149 -20.26 13.77 -14.75
CA GLN B 149 -20.19 14.24 -13.36
C GLN B 149 -21.53 14.82 -12.90
N LYS B 150 -21.75 14.75 -11.59
CA LYS B 150 -22.91 15.40 -10.99
C LYS B 150 -22.78 16.92 -11.09
N ARG B 151 -21.60 17.45 -10.76
CA ARG B 151 -21.41 18.88 -10.65
C ARG B 151 -20.01 19.23 -11.10
N LEU B 152 -19.87 20.47 -11.58
CA LEU B 152 -18.60 21.01 -12.02
C LEU B 152 -18.31 22.25 -11.19
N ILE B 153 -17.12 22.31 -10.57
CA ILE B 153 -16.74 23.46 -9.76
C ILE B 153 -15.56 24.14 -10.46
N SER B 154 -15.72 25.43 -10.75
CA SER B 154 -14.70 26.20 -11.43
C SER B 154 -13.64 26.66 -10.43
N SER B 155 -12.50 27.08 -10.97
CA SER B 155 -11.43 27.60 -10.11
C SER B 155 -11.96 28.73 -9.25
N ALA B 156 -12.75 29.64 -9.84
CA ALA B 156 -13.26 30.80 -9.10
C ALA B 156 -14.14 30.37 -7.93
N GLU B 157 -15.03 29.41 -8.14
CA GLU B 157 -15.86 28.93 -7.03
C GLU B 157 -15.00 28.29 -5.95
N CYS B 158 -14.05 27.45 -6.37
CA CYS B 158 -13.22 26.71 -5.43
C CYS B 158 -12.50 27.65 -4.48
N TYR B 159 -11.88 28.70 -5.00
CA TYR B 159 -11.07 29.56 -4.16
C TYR B 159 -11.87 30.65 -3.45
N ARG B 160 -13.07 30.99 -3.94
CA ARG B 160 -13.97 31.81 -3.13
C ARG B 160 -14.42 31.05 -1.89
N ASP B 161 -14.81 29.79 -2.05
CA ASP B 161 -15.19 28.96 -0.91
C ASP B 161 -14.03 28.83 0.07
N PHE B 162 -12.81 28.62 -0.43
CA PHE B 162 -11.65 28.53 0.44
C PHE B 162 -11.47 29.82 1.24
N ARG B 163 -11.57 30.97 0.56
CA ARG B 163 -11.33 32.24 1.24
C ARG B 163 -12.41 32.53 2.28
N GLN B 164 -13.66 32.23 1.97
CA GLN B 164 -14.73 32.38 2.95
C GLN B 164 -14.50 31.51 4.19
N SER B 165 -13.69 30.46 4.08
CA SER B 165 -13.36 29.60 5.20
C SER B 165 -12.14 30.08 5.97
N GLY B 166 -11.46 31.12 5.49
CA GLY B 166 -10.23 31.59 6.08
C GLY B 166 -8.96 31.12 5.41
N LEU B 167 -9.07 30.35 4.33
CA LEU B 167 -7.91 29.88 3.59
C LEU B 167 -7.75 30.78 2.38
N GLU B 168 -6.88 31.79 2.50
CA GLU B 168 -6.64 32.77 1.43
C GLU B 168 -5.41 32.34 0.64
N TYR B 169 -5.64 31.58 -0.42
CA TYR B 169 -4.57 31.12 -1.31
C TYR B 169 -4.23 32.20 -2.33
N GLY B 170 -2.97 32.61 -2.36
CA GLY B 170 -2.50 33.48 -3.41
C GLY B 170 -2.45 32.76 -4.76
N ALA B 171 -2.09 33.54 -5.78
CA ALA B 171 -2.12 33.02 -7.16
C ALA B 171 -1.19 31.82 -7.32
N SER B 172 -0.05 31.83 -6.65
CA SER B 172 0.88 30.72 -6.77
C SER B 172 0.26 29.40 -6.33
N PHE B 173 -0.68 29.45 -5.39
CA PHE B 173 -1.32 28.25 -4.86
C PHE B 173 -2.67 27.97 -5.52
N GLN B 174 -3.09 28.79 -6.46
CA GLN B 174 -4.36 28.57 -7.17
C GLN B 174 -4.12 27.65 -8.36
N VAL B 175 -3.87 26.38 -8.03
CA VAL B 175 -3.51 25.40 -9.04
C VAL B 175 -4.69 24.54 -9.49
N ILE B 176 -5.77 24.48 -8.71
CA ILE B 176 -6.96 23.75 -9.11
C ILE B 176 -7.68 24.57 -10.17
N LYS B 177 -7.84 23.99 -11.35
CA LYS B 177 -8.54 24.66 -12.44
C LYS B 177 -9.99 24.22 -12.58
N GLN B 178 -10.31 22.99 -12.20
CA GLN B 178 -11.68 22.50 -12.27
C GLN B 178 -11.80 21.25 -11.41
N LEU B 179 -12.95 21.12 -10.74
CA LEU B 179 -13.28 19.92 -9.98
C LEU B 179 -14.47 19.25 -10.62
N PHE B 180 -14.33 17.97 -10.92
CA PHE B 180 -15.41 17.13 -11.41
C PHE B 180 -15.94 16.34 -10.23
N ILE B 181 -17.15 16.65 -9.79
CA ILE B 181 -17.75 16.00 -8.63
C ILE B 181 -18.59 14.83 -9.13
N HIS B 182 -18.14 13.62 -8.82
CA HIS B 182 -18.88 12.41 -9.15
C HIS B 182 -19.52 11.86 -7.87
N GLU B 183 -20.25 10.75 -8.03
CA GLU B 183 -21.03 10.22 -6.92
C GLU B 183 -20.13 9.79 -5.77
N ASN B 184 -19.03 9.08 -6.08
CA ASN B 184 -18.14 8.54 -5.05
C ASN B 184 -16.69 8.93 -5.27
N ALA B 185 -16.44 9.95 -6.09
CA ALA B 185 -15.06 10.35 -6.39
C ALA B 185 -15.07 11.80 -6.86
N VAL B 186 -13.90 12.42 -6.74
CA VAL B 186 -13.66 13.77 -7.26
C VAL B 186 -12.45 13.69 -8.19
N LEU B 187 -12.56 14.30 -9.37
CA LEU B 187 -11.44 14.47 -10.28
C LEU B 187 -11.11 15.96 -10.34
N ALA B 188 -9.86 16.30 -10.04
CA ALA B 188 -9.41 17.69 -10.02
C ALA B 188 -8.37 17.90 -11.10
N ARG B 189 -8.57 18.93 -11.93
CA ARG B 189 -7.56 19.32 -12.89
C ARG B 189 -6.63 20.32 -12.21
N ILE B 190 -5.33 20.06 -12.31
CA ILE B 190 -4.32 20.82 -11.62
C ILE B 190 -3.30 21.34 -12.61
N SER B 191 -2.89 22.59 -12.46
CA SER B 191 -1.94 23.21 -13.36
C SER B 191 -1.13 24.23 -12.58
N LEU B 192 0.20 24.09 -12.62
CA LEU B 192 1.05 25.03 -11.91
C LEU B 192 1.11 26.35 -12.66
N PRO B 193 1.08 27.48 -11.95
CA PRO B 193 1.15 28.76 -12.65
C PRO B 193 2.52 28.97 -13.28
N GLU B 194 2.54 29.75 -14.36
CA GLU B 194 3.80 30.09 -14.99
C GLU B 194 4.69 30.90 -14.05
N SER B 195 4.06 31.68 -13.15
CA SER B 195 4.82 32.60 -12.31
C SER B 195 5.94 31.90 -11.54
N ILE B 196 5.64 30.77 -10.91
CA ILE B 196 6.64 30.14 -10.06
C ILE B 196 7.72 29.52 -10.94
N HIS B 197 8.97 29.69 -10.54
CA HIS B 197 10.10 29.09 -11.22
C HIS B 197 10.45 27.78 -10.52
N LYS B 198 10.17 26.66 -11.19
CA LYS B 198 10.32 25.34 -10.60
C LYS B 198 11.76 24.86 -10.79
N LYS B 199 12.46 24.64 -9.68
CA LYS B 199 13.84 24.21 -9.73
C LYS B 199 13.94 22.76 -10.19
N SER B 200 15.05 22.45 -10.87
CA SER B 200 15.30 21.09 -11.31
C SER B 200 15.34 20.11 -10.14
N GLY B 201 15.92 20.54 -9.01
CA GLY B 201 16.00 19.67 -7.84
C GLY B 201 14.69 19.46 -7.11
N THR B 202 13.74 20.37 -7.27
CA THR B 202 12.49 20.32 -6.51
C THR B 202 11.56 19.27 -7.11
N LEU B 203 11.43 18.14 -6.42
CA LEU B 203 10.55 17.07 -6.89
C LEU B 203 9.09 17.39 -6.58
N LEU B 204 8.79 17.74 -5.34
CA LEU B 204 7.44 18.02 -4.89
C LEU B 204 7.30 19.53 -4.67
N GLU B 205 6.84 20.22 -5.70
CA GLU B 205 6.60 21.65 -5.56
C GLU B 205 5.53 21.87 -4.50
N PRO B 206 5.79 22.72 -3.50
CA PRO B 206 4.79 22.91 -2.43
C PRO B 206 3.42 23.28 -2.96
N CYS B 207 3.34 24.18 -3.94
CA CYS B 207 2.02 24.56 -4.45
CA CYS B 207 2.02 24.56 -4.46
C CYS B 207 1.35 23.39 -5.16
N LEU B 208 2.12 22.55 -5.85
CA LEU B 208 1.54 21.36 -6.47
C LEU B 208 0.96 20.43 -5.42
N LEU B 209 1.77 20.09 -4.42
CA LEU B 209 1.34 19.12 -3.43
C LEU B 209 0.22 19.68 -2.56
N ASP B 210 0.28 20.97 -2.22
CA ASP B 210 -0.81 21.57 -1.47
C ASP B 210 -2.09 21.59 -2.29
N GLY B 211 -1.97 21.80 -3.60
CA GLY B 211 -3.15 21.75 -4.46
C GLY B 211 -3.76 20.36 -4.50
N ILE B 212 -2.91 19.33 -4.48
CA ILE B 212 -3.42 17.96 -4.38
C ILE B 212 -4.19 17.80 -3.07
N PHE B 213 -3.63 18.27 -1.96
CA PHE B 213 -4.36 18.29 -0.71
C PHE B 213 -5.63 19.14 -0.84
N GLN B 214 -5.53 20.30 -1.50
CA GLN B 214 -6.69 21.18 -1.66
C GLN B 214 -7.85 20.46 -2.32
N SER B 215 -7.56 19.60 -3.29
CA SER B 215 -8.60 19.02 -4.12
C SER B 215 -9.58 18.16 -3.33
N THR B 216 -9.25 17.78 -2.11
CA THR B 216 -10.21 17.10 -1.25
C THR B 216 -11.41 17.98 -0.92
N THR B 217 -11.32 19.29 -1.19
CA THR B 217 -12.46 20.16 -0.95
C THR B 217 -13.67 19.76 -1.78
N GLY B 218 -13.47 19.03 -2.88
CA GLY B 218 -14.59 18.47 -3.61
C GLY B 218 -15.50 17.63 -2.73
N PHE B 219 -14.95 17.06 -1.66
CA PHE B 219 -15.72 16.37 -0.63
C PHE B 219 -16.06 17.26 0.55
N THR B 220 -15.06 17.95 1.12
CA THR B 220 -15.23 18.59 2.41
C THR B 220 -15.99 19.91 2.35
N SER B 221 -16.10 20.54 1.17
CA SER B 221 -16.83 21.80 1.07
C SER B 221 -18.23 21.68 1.64
N GLY B 222 -18.94 20.62 1.28
CA GLY B 222 -20.25 20.37 1.86
C GLY B 222 -21.22 21.49 1.53
N GLN B 223 -22.00 21.88 2.54
CA GLN B 223 -23.09 22.82 2.35
C GLN B 223 -22.56 24.23 2.06
N GLU B 224 -23.44 25.04 1.50
CA GLU B 224 -23.14 26.47 1.32
C GLU B 224 -23.00 27.17 2.66
N ASP B 225 -23.72 26.71 3.69
CA ASP B 225 -23.62 27.32 5.01
C ASP B 225 -22.35 26.91 5.75
N ASP B 226 -21.67 25.87 5.29
CA ASP B 226 -20.47 25.39 5.96
C ASP B 226 -19.26 26.13 5.40
N HIS B 227 -18.54 26.83 6.27
CA HIS B 227 -17.30 27.49 5.87
C HIS B 227 -16.17 26.99 6.77
N THR B 228 -16.05 25.67 6.89
CA THR B 228 -15.03 25.06 7.71
C THR B 228 -13.75 24.91 6.92
N ALA B 229 -12.63 25.29 7.53
CA ALA B 229 -11.32 25.10 6.94
C ALA B 229 -10.73 23.77 7.41
N TYR B 230 -10.32 22.95 6.47
CA TYR B 230 -9.69 21.66 6.75
C TYR B 230 -8.24 21.71 6.32
N LEU B 231 -7.34 21.33 7.22
CA LEU B 231 -5.91 21.35 6.93
C LEU B 231 -5.28 20.01 7.22
N PRO B 232 -4.13 19.72 6.61
CA PRO B 232 -3.49 18.41 6.78
C PRO B 232 -3.21 18.08 8.24
N PHE B 233 -3.58 16.87 8.63
CA PHE B 233 -3.42 16.38 9.99
C PHE B 233 -2.63 15.09 10.07
N GLU B 234 -2.89 14.13 9.18
CA GLU B 234 -2.11 12.90 9.11
C GLU B 234 -2.02 12.46 7.66
N LEU B 235 -0.99 11.68 7.36
CA LEU B 235 -0.83 11.10 6.03
C LEU B 235 -0.23 9.71 6.19
N GLY B 236 -1.02 8.69 5.87
CA GLY B 236 -0.55 7.32 5.98
C GLY B 236 0.67 7.05 5.12
N GLU B 237 0.59 7.39 3.83
CA GLU B 237 1.69 7.09 2.92
C GLU B 237 1.63 8.02 1.72
N LEU B 238 2.79 8.58 1.35
CA LEU B 238 2.98 9.27 0.08
C LEU B 238 4.04 8.52 -0.69
N GLU B 239 3.66 7.98 -1.85
CA GLU B 239 4.56 7.20 -2.68
C GLU B 239 4.85 7.97 -3.97
N ILE B 240 6.13 8.12 -4.29
CA ILE B 240 6.57 8.81 -5.49
C ILE B 240 6.99 7.76 -6.51
N LEU B 241 6.17 7.57 -7.55
CA LEU B 241 6.56 6.67 -8.63
C LEU B 241 7.52 7.34 -9.60
N HIS B 242 7.41 8.66 -9.76
CA HIS B 242 8.33 9.43 -10.57
C HIS B 242 7.97 10.90 -10.39
N ALA B 243 8.80 11.77 -10.96
CA ALA B 243 8.63 13.20 -10.77
C ALA B 243 7.26 13.65 -11.29
N PRO B 244 6.46 14.35 -10.49
CA PRO B 244 5.13 14.74 -10.97
C PRO B 244 5.19 15.74 -12.10
N SER B 245 4.19 15.67 -12.98
CA SER B 245 4.04 16.64 -14.05
C SER B 245 3.51 17.95 -13.49
N ALA B 246 3.84 19.06 -14.14
CA ALA B 246 3.31 20.35 -13.74
C ALA B 246 1.82 20.47 -14.01
N ASN B 247 1.30 19.70 -14.97
CA ASN B 247 -0.13 19.66 -15.27
C ASN B 247 -0.62 18.23 -15.17
N GLY B 248 -1.76 18.05 -14.54
CA GLY B 248 -2.32 16.73 -14.41
C GLY B 248 -3.65 16.74 -13.71
N TYR B 249 -3.99 15.58 -13.16
CA TYR B 249 -5.28 15.36 -12.53
C TYR B 249 -5.08 14.60 -11.22
N ALA B 250 -5.85 14.98 -10.21
CA ALA B 250 -5.94 14.26 -8.97
C ALA B 250 -7.28 13.53 -8.92
N TYR B 251 -7.24 12.24 -8.59
CA TYR B 251 -8.42 11.41 -8.40
C TYR B 251 -8.54 11.08 -6.91
N ILE B 252 -9.61 11.55 -6.28
CA ILE B 252 -9.77 11.51 -4.83
C ILE B 252 -10.96 10.62 -4.48
N THR B 253 -10.75 9.73 -3.50
CA THR B 253 -11.82 8.92 -2.95
C THR B 253 -11.79 9.03 -1.43
N ALA B 254 -12.95 8.79 -0.82
CA ALA B 254 -13.05 8.84 0.63
C ALA B 254 -12.54 7.52 1.21
N ALA B 255 -11.60 7.62 2.16
CA ALA B 255 -11.10 6.44 2.84
C ALA B 255 -12.10 5.87 3.84
N ASP B 256 -12.80 6.73 4.57
CA ASP B 256 -13.77 6.31 5.58
C ASP B 256 -13.07 5.56 6.71
N ASP B 261 -17.86 14.30 11.15
CA ASP B 261 -16.87 14.50 12.21
C ASP B 261 -15.96 15.66 11.84
N ASP B 262 -14.95 15.90 12.68
CA ASP B 262 -13.96 16.94 12.44
C ASP B 262 -12.77 16.47 11.63
N VAL B 263 -12.66 15.17 11.34
CA VAL B 263 -11.55 14.60 10.61
C VAL B 263 -12.08 13.89 9.38
N LYS B 264 -11.47 14.18 8.22
CA LYS B 264 -11.87 13.59 6.94
C LYS B 264 -10.66 12.93 6.29
N ARG B 265 -10.84 11.70 5.82
CA ARG B 265 -9.75 10.90 5.26
C ARG B 265 -10.00 10.53 3.81
N PHE B 266 -8.94 10.59 3.01
CA PHE B 266 -9.04 10.40 1.57
C PHE B 266 -7.83 9.63 1.06
N HIS B 267 -8.03 8.96 -0.07
CA HIS B 267 -6.96 8.45 -0.91
C HIS B 267 -6.91 9.28 -2.18
N ILE B 268 -5.71 9.55 -2.69
CA ILE B 268 -5.53 10.39 -3.86
C ILE B 268 -4.49 9.77 -4.79
N LEU B 269 -4.78 9.79 -6.09
CA LEU B 269 -3.80 9.50 -7.13
C LEU B 269 -3.57 10.78 -7.91
N PHE B 270 -2.30 11.12 -8.13
CA PHE B 270 -1.95 12.22 -9.02
C PHE B 270 -1.31 11.66 -10.29
N MET B 271 -1.75 12.17 -11.43
CA MET B 271 -1.37 11.62 -12.72
C MET B 271 -1.23 12.75 -13.72
N ASP B 272 -0.54 12.47 -14.82
CA ASP B 272 -0.49 13.43 -15.92
C ASP B 272 -1.75 13.27 -16.77
N GLU B 273 -1.84 14.09 -17.82
CA GLU B 273 -3.07 14.15 -18.61
C GLU B 273 -3.38 12.84 -19.31
N ASN B 274 -2.40 11.96 -19.47
CA ASN B 274 -2.59 10.65 -20.09
C ASN B 274 -2.80 9.53 -19.08
N GLY B 275 -2.97 9.85 -17.81
CA GLY B 275 -3.22 8.86 -16.78
C GLY B 275 -2.00 8.20 -16.19
N SER B 276 -0.79 8.60 -16.58
CA SER B 276 0.41 8.09 -15.94
C SER B 276 0.49 8.59 -14.50
N VAL B 277 0.41 7.67 -13.55
CA VAL B 277 0.35 8.02 -12.12
C VAL B 277 1.76 8.33 -11.64
N SER B 278 1.94 9.53 -11.08
CA SER B 278 3.22 9.94 -10.51
C SER B 278 3.26 9.85 -9.00
N LEU B 279 2.13 10.06 -8.32
CA LEU B 279 2.09 10.08 -6.87
C LEU B 279 0.88 9.30 -6.38
N LYS B 280 1.07 8.59 -5.28
CA LYS B 280 -0.02 7.87 -4.62
C LYS B 280 -0.07 8.31 -3.17
N ILE B 281 -1.24 8.78 -2.74
CA ILE B 281 -1.47 9.24 -1.39
C ILE B 281 -2.48 8.33 -0.76
N LYS B 282 -2.09 7.70 0.34
CA LYS B 282 -2.96 6.79 1.06
C LYS B 282 -3.25 7.37 2.44
N ASN B 283 -4.54 7.52 2.75
CA ASN B 283 -5.00 7.92 4.08
C ASN B 283 -4.47 9.31 4.44
N LEU B 284 -4.82 10.28 3.59
CA LEU B 284 -4.61 11.68 3.93
C LEU B 284 -5.77 12.12 4.82
N ALA B 285 -5.44 12.55 6.04
CA ALA B 285 -6.43 13.00 7.00
C ALA B 285 -6.32 14.52 7.16
N LEU B 286 -7.45 15.20 7.01
CA LEU B 286 -7.54 16.63 7.25
C LEU B 286 -8.46 16.89 8.44
N LYS B 287 -8.13 17.91 9.21
CA LYS B 287 -8.84 18.22 10.44
C LYS B 287 -9.32 19.67 10.40
N ALA B 288 -10.54 19.88 10.88
CA ALA B 288 -11.11 21.21 10.92
C ALA B 288 -10.27 22.14 11.78
N LEU B 289 -10.03 23.34 11.27
CA LEU B 289 -9.28 24.36 11.99
C LEU B 289 -10.18 25.57 12.26
#